data_3RI4
#
_entry.id   3RI4
#
_cell.length_a   50.177
_cell.length_b   98.124
_cell.length_c   53.577
_cell.angle_alpha   90.00
_cell.angle_beta   109.67
_cell.angle_gamma   90.00
#
_symmetry.space_group_name_H-M   'P 1 21 1'
#
loop_
_entity.id
_entity.type
_entity.pdbx_description
1 polymer 'Isoform Ets-1 p27 of Protein C-ets-1'
2 polymer 'TCR alpha promoter DNA'
3 polymer 'TCR alpha promoter DNA'
4 water water
#
loop_
_entity_poly.entity_id
_entity_poly.type
_entity_poly.pdbx_seq_one_letter_code
_entity_poly.pdbx_strand_id
1 'polypeptide(L)'
;MVPSYDSFDYEDYPAALPNHKPKGTFKDYVRDRADLNKDKPVIPAAALAGYTGSGPIQLWQFLLELLTDKSCQSFISWTG
DGWEFKLSDPDEVARRWGKRKNKPKMNYEKLSRGLRYYYDKNIIHKTAGKRYVYRFVCDLQSLLGYTPEELHAMLDVKPD
ADE
;
A,D
2 'polydeoxyribonucleotide' (DG)(DG)(DA)(DA)(DG)(DC)(DC)(DA)(DC)(DA)(DT)(DC)(DC)(DT)(DC)(DT) B,E
3 'polydeoxyribonucleotide' (DC)(DA)(DG)(DA)(DG)(DG)(DA)(DT)(DG)(DT)(DG)(DG)(DC)(DT)(DT)(DC) C,F
#
loop_
_chem_comp.id
_chem_comp.type
_chem_comp.name
_chem_comp.formula
DA DNA linking 2'-DEOXYADENOSINE-5'-MONOPHOSPHATE 'C10 H14 N5 O6 P'
DC DNA linking 2'-DEOXYCYTIDINE-5'-MONOPHOSPHATE 'C9 H14 N3 O7 P'
DG DNA linking 2'-DEOXYGUANOSINE-5'-MONOPHOSPHATE 'C10 H14 N5 O7 P'
DT DNA linking THYMIDINE-5'-MONOPHOSPHATE 'C10 H15 N2 O8 P'
#
# COMPACT_ATOMS: atom_id res chain seq x y z
N GLY A 24 3.42 -22.04 3.90
CA GLY A 24 3.46 -20.69 4.55
C GLY A 24 2.10 -20.02 4.59
N THR A 25 1.84 -19.24 5.65
CA THR A 25 0.57 -18.52 5.78
C THR A 25 0.86 -17.06 5.46
N PHE A 26 -0.17 -16.22 5.51
CA PHE A 26 0.03 -14.81 5.21
C PHE A 26 0.98 -14.22 6.23
N LYS A 27 0.86 -14.69 7.47
CA LYS A 27 1.71 -14.24 8.57
C LYS A 27 3.19 -14.41 8.24
N ASP A 28 3.53 -15.64 7.86
CA ASP A 28 4.90 -15.98 7.52
C ASP A 28 5.37 -15.19 6.30
N TYR A 29 4.52 -15.10 5.29
CA TYR A 29 4.83 -14.36 4.07
C TYR A 29 5.19 -12.93 4.42
N VAL A 30 4.53 -12.39 5.45
CA VAL A 30 4.79 -11.01 5.86
C VAL A 30 6.08 -10.90 6.67
N ARG A 31 6.29 -11.83 7.59
CA ARG A 31 7.51 -11.73 8.38
C ARG A 31 8.78 -12.03 7.55
N ASP A 32 8.67 -12.96 6.59
CA ASP A 32 9.80 -13.31 5.74
C ASP A 32 10.28 -12.12 4.91
N ARG A 33 9.33 -11.37 4.36
CA ARG A 33 9.67 -10.20 3.56
C ARG A 33 10.24 -9.13 4.50
N ALA A 34 9.78 -9.16 5.74
CA ALA A 34 10.24 -8.20 6.74
C ALA A 34 11.70 -8.46 7.05
N ASP A 35 12.09 -9.73 7.00
CA ASP A 35 13.48 -10.09 7.27
C ASP A 35 14.41 -9.79 6.09
N LEU A 36 13.81 -9.41 4.96
CA LEU A 36 14.58 -9.04 3.77
C LEU A 36 14.59 -7.52 3.62
N ASN A 37 14.09 -6.83 4.65
CA ASN A 37 14.00 -5.38 4.69
C ASN A 37 13.06 -4.76 3.66
N LYS A 38 12.03 -5.52 3.30
CA LYS A 38 11.04 -5.07 2.33
C LYS A 38 9.83 -4.51 3.09
N ASP A 39 8.92 -3.87 2.34
CA ASP A 39 7.71 -3.29 2.90
C ASP A 39 7.91 -2.20 3.95
N LYS A 40 9.07 -1.54 3.93
CA LYS A 40 9.39 -0.48 4.90
C LYS A 40 10.05 0.78 4.31
N PRO A 41 9.55 1.27 3.16
CA PRO A 41 10.15 2.48 2.57
C PRO A 41 9.93 3.72 3.44
N VAL A 42 10.96 4.54 3.62
CA VAL A 42 10.83 5.74 4.44
C VAL A 42 9.83 6.70 3.81
N ILE A 43 9.76 6.71 2.50
CA ILE A 43 8.83 7.59 1.80
C ILE A 43 7.89 6.80 0.91
N PRO A 44 6.86 6.21 1.49
CA PRO A 44 5.91 5.43 0.68
C PRO A 44 5.29 6.32 -0.38
N ALA A 45 5.22 5.82 -1.60
CA ALA A 45 4.62 6.58 -2.68
C ALA A 45 3.17 6.90 -2.34
N ALA A 46 2.37 5.86 -2.14
CA ALA A 46 0.95 6.05 -1.81
C ALA A 46 0.73 7.15 -0.76
N ALA A 47 1.52 7.13 0.30
CA ALA A 47 1.37 8.13 1.35
C ALA A 47 1.73 9.50 0.85
N LEU A 48 2.86 9.59 0.15
CA LEU A 48 3.31 10.87 -0.38
C LEU A 48 2.21 11.47 -1.23
N ALA A 49 1.67 10.66 -2.14
CA ALA A 49 0.60 11.11 -3.02
C ALA A 49 -0.54 11.66 -2.19
N GLY A 50 -0.82 11.01 -1.08
CA GLY A 50 -1.90 11.47 -0.22
C GLY A 50 -1.54 12.80 0.39
N TYR A 51 -0.33 12.88 0.93
CA TYR A 51 0.13 14.11 1.55
C TYR A 51 0.08 15.30 0.59
N THR A 52 0.53 15.08 -0.64
CA THR A 52 0.56 16.14 -1.64
C THR A 52 -0.79 16.30 -2.33
N GLY A 53 -1.67 15.33 -2.18
CA GLY A 53 -2.96 15.41 -2.83
C GLY A 53 -2.82 15.32 -4.34
N SER A 54 -1.85 14.53 -4.81
CA SER A 54 -1.59 14.37 -6.25
C SER A 54 -2.53 13.36 -6.91
N GLY A 55 -3.21 12.55 -6.10
CA GLY A 55 -4.11 11.57 -6.64
C GLY A 55 -3.33 10.34 -7.07
N PRO A 56 -3.46 9.90 -8.32
CA PRO A 56 -2.70 8.71 -8.68
C PRO A 56 -1.23 8.95 -8.37
N ILE A 57 -0.53 7.89 -8.05
CA ILE A 57 0.88 7.98 -7.71
C ILE A 57 1.62 8.50 -8.94
N GLN A 58 2.60 9.37 -8.73
CA GLN A 58 3.36 9.94 -9.83
C GLN A 58 4.74 9.33 -9.88
N LEU A 59 5.35 9.30 -11.05
CA LEU A 59 6.67 8.72 -11.20
C LEU A 59 7.67 9.22 -10.19
N TRP A 60 7.97 10.51 -10.18
CA TRP A 60 8.96 10.99 -9.24
C TRP A 60 8.68 10.51 -7.83
N GLN A 61 7.41 10.35 -7.49
CA GLN A 61 7.07 9.93 -6.15
C GLN A 61 7.43 8.49 -5.92
N PHE A 62 7.14 7.66 -6.92
CA PHE A 62 7.46 6.24 -6.84
C PHE A 62 8.95 6.11 -6.58
N LEU A 63 9.75 6.66 -7.49
CA LEU A 63 11.19 6.59 -7.35
C LEU A 63 11.61 7.04 -5.97
N LEU A 64 10.91 8.03 -5.42
CA LEU A 64 11.28 8.52 -4.10
C LEU A 64 10.96 7.48 -3.05
N GLU A 65 9.97 6.64 -3.34
CA GLU A 65 9.64 5.59 -2.39
C GLU A 65 10.80 4.57 -2.42
N LEU A 66 11.08 4.01 -3.60
CA LEU A 66 12.17 3.03 -3.74
C LEU A 66 13.44 3.52 -3.08
N LEU A 67 13.83 4.75 -3.39
CA LEU A 67 15.05 5.29 -2.84
C LEU A 67 15.09 5.36 -1.32
N THR A 68 13.94 5.30 -0.66
CA THR A 68 13.93 5.35 0.80
C THR A 68 13.63 3.98 1.44
N ASP A 69 13.47 2.98 0.58
CA ASP A 69 13.21 1.60 1.00
C ASP A 69 14.53 0.85 0.85
N LYS A 70 15.19 0.58 1.98
CA LYS A 70 16.47 -0.11 2.01
C LYS A 70 16.55 -1.39 1.18
N SER A 71 15.44 -2.08 0.98
CA SER A 71 15.45 -3.32 0.21
C SER A 71 15.65 -3.12 -1.28
N CYS A 72 15.40 -1.91 -1.76
CA CYS A 72 15.51 -1.63 -3.18
C CYS A 72 16.86 -1.11 -3.64
N GLN A 73 17.79 -0.93 -2.69
CA GLN A 73 19.12 -0.41 -2.99
C GLN A 73 19.92 -1.14 -4.05
N SER A 74 19.48 -2.33 -4.45
CA SER A 74 20.24 -3.08 -5.45
C SER A 74 19.99 -2.62 -6.88
N PHE A 75 18.78 -2.14 -7.17
CA PHE A 75 18.46 -1.69 -8.53
C PHE A 75 18.24 -0.20 -8.66
N ILE A 76 18.26 0.51 -7.53
CA ILE A 76 18.11 1.98 -7.54
C ILE A 76 18.65 2.58 -6.24
N SER A 77 19.48 3.60 -6.33
CA SER A 77 20.04 4.19 -5.12
C SER A 77 20.69 5.55 -5.27
N TRP A 78 20.79 6.26 -4.14
CA TRP A 78 21.41 7.59 -4.11
C TRP A 78 22.89 7.46 -4.40
N THR A 79 23.41 8.36 -5.21
CA THR A 79 24.83 8.33 -5.54
C THR A 79 25.71 8.83 -4.40
N GLY A 80 25.10 9.49 -3.42
CA GLY A 80 25.88 10.01 -2.31
C GLY A 80 26.02 11.52 -2.42
N ASP A 81 25.74 12.06 -3.60
CA ASP A 81 25.82 13.50 -3.84
C ASP A 81 24.43 14.10 -3.83
N GLY A 82 24.10 14.85 -2.78
CA GLY A 82 22.80 15.48 -2.69
C GLY A 82 21.67 14.56 -3.11
N TRP A 83 20.70 15.10 -3.86
CA TRP A 83 19.56 14.31 -4.30
C TRP A 83 19.79 13.52 -5.57
N GLU A 84 21.05 13.31 -5.91
CA GLU A 84 21.39 12.55 -7.10
C GLU A 84 21.16 11.07 -6.83
N PHE A 85 20.69 10.37 -7.84
CA PHE A 85 20.43 8.95 -7.70
C PHE A 85 20.78 8.25 -9.00
N LYS A 86 20.75 6.93 -8.97
CA LYS A 86 21.08 6.12 -10.14
C LYS A 86 20.16 4.91 -10.26
N LEU A 87 19.83 4.58 -11.50
CA LEU A 87 19.00 3.43 -11.77
C LEU A 87 19.93 2.29 -12.15
N SER A 88 20.59 1.70 -11.14
CA SER A 88 21.51 0.61 -11.40
C SER A 88 20.87 -0.48 -12.25
N ASP A 89 19.60 -0.80 -11.98
CA ASP A 89 18.93 -1.81 -12.78
C ASP A 89 17.63 -1.23 -13.34
N PRO A 90 17.75 -0.52 -14.47
CA PRO A 90 16.64 0.13 -15.18
C PRO A 90 15.47 -0.81 -15.42
N ASP A 91 15.80 -1.97 -15.96
CA ASP A 91 14.81 -2.97 -16.27
C ASP A 91 13.97 -3.38 -15.06
N GLU A 92 14.58 -3.42 -13.87
CA GLU A 92 13.85 -3.79 -12.67
C GLU A 92 12.97 -2.61 -12.23
N VAL A 93 13.58 -1.43 -12.19
CA VAL A 93 12.86 -0.22 -11.80
C VAL A 93 11.65 -0.09 -12.68
N ALA A 94 11.84 -0.29 -13.98
CA ALA A 94 10.77 -0.20 -14.96
C ALA A 94 9.67 -1.23 -14.71
N ARG A 95 10.07 -2.45 -14.40
CA ARG A 95 9.07 -3.48 -14.14
C ARG A 95 8.17 -3.06 -12.99
N ARG A 96 8.76 -2.72 -11.85
CA ARG A 96 7.95 -2.31 -10.70
C ARG A 96 7.02 -1.14 -10.97
N TRP A 97 7.52 -0.08 -11.61
CA TRP A 97 6.69 1.06 -11.92
C TRP A 97 5.58 0.55 -12.85
N GLY A 98 5.93 -0.35 -13.78
CA GLY A 98 4.93 -0.87 -14.69
C GLY A 98 3.84 -1.64 -13.96
N LYS A 99 4.23 -2.23 -12.83
CA LYS A 99 3.32 -3.00 -11.98
C LYS A 99 2.45 -2.07 -11.15
N ARG A 100 3.06 -1.03 -10.58
CA ARG A 100 2.33 -0.07 -9.77
C ARG A 100 1.28 0.74 -10.53
N LYS A 101 1.40 0.83 -11.83
CA LYS A 101 0.46 1.58 -12.64
C LYS A 101 -0.36 0.63 -13.51
N ASN A 102 -0.11 -0.66 -13.39
CA ASN A 102 -0.82 -1.63 -14.20
C ASN A 102 -0.52 -1.36 -15.68
N LYS A 103 0.72 -1.58 -16.08
CA LYS A 103 1.11 -1.38 -17.47
C LYS A 103 2.28 -2.29 -17.76
N PRO A 104 2.03 -3.59 -17.88
CA PRO A 104 3.03 -4.64 -18.14
C PRO A 104 4.04 -4.38 -19.27
N LYS A 105 3.67 -3.57 -20.27
CA LYS A 105 4.58 -3.27 -21.37
C LYS A 105 5.59 -2.19 -20.97
N MET A 106 5.59 -1.81 -19.69
CA MET A 106 6.46 -0.76 -19.16
C MET A 106 7.96 -1.08 -19.07
N ASN A 107 8.77 -0.25 -19.72
CA ASN A 107 10.22 -0.40 -19.75
C ASN A 107 10.97 0.89 -19.45
N TYR A 108 12.29 0.81 -19.38
CA TYR A 108 13.07 2.01 -19.10
C TYR A 108 12.98 2.96 -20.26
N GLU A 109 12.73 2.42 -21.46
CA GLU A 109 12.61 3.23 -22.66
C GLU A 109 11.43 4.19 -22.62
N LYS A 110 10.38 3.81 -21.91
CA LYS A 110 9.21 4.66 -21.78
C LYS A 110 9.29 5.45 -20.49
N LEU A 111 9.67 4.75 -19.42
CA LEU A 111 9.79 5.39 -18.14
C LEU A 111 10.72 6.58 -18.23
N SER A 112 11.80 6.45 -18.98
CA SER A 112 12.72 7.58 -19.06
C SER A 112 11.97 8.73 -19.66
N ARG A 113 11.04 8.46 -20.56
CA ARG A 113 10.28 9.53 -21.18
C ARG A 113 9.65 10.31 -20.05
N GLY A 114 8.91 9.59 -19.19
CA GLY A 114 8.29 10.25 -18.07
C GLY A 114 9.30 11.17 -17.39
N LEU A 115 10.48 10.66 -17.08
CA LEU A 115 11.47 11.49 -16.40
C LEU A 115 11.90 12.68 -17.23
N ARG A 116 11.92 12.53 -18.55
CA ARG A 116 12.35 13.65 -19.39
C ARG A 116 11.36 14.80 -19.26
N TYR A 117 10.10 14.45 -19.00
CA TYR A 117 9.08 15.46 -18.83
C TYR A 117 9.31 16.34 -17.61
N TYR A 118 10.04 15.86 -16.62
CA TYR A 118 10.32 16.66 -15.41
C TYR A 118 11.44 17.69 -15.63
N TYR A 119 12.27 17.49 -16.65
CA TYR A 119 13.36 18.44 -16.89
C TYR A 119 12.79 19.86 -16.95
N ASP A 120 11.82 20.10 -17.83
CA ASP A 120 11.22 21.43 -17.93
C ASP A 120 10.45 21.81 -16.66
N LYS A 121 9.74 20.86 -16.06
CA LYS A 121 9.02 21.12 -14.80
C LYS A 121 10.00 21.07 -13.62
N ASN A 122 11.27 21.39 -13.84
CA ASN A 122 12.24 21.37 -12.75
C ASN A 122 11.93 20.52 -11.49
N ILE A 123 11.69 19.24 -11.69
CA ILE A 123 11.42 18.31 -10.58
C ILE A 123 12.60 17.32 -10.53
N ILE A 124 13.07 16.91 -11.70
CA ILE A 124 14.21 16.00 -11.84
C ILE A 124 14.96 16.37 -13.12
N HIS A 125 16.28 16.34 -13.03
CA HIS A 125 17.16 16.64 -14.15
C HIS A 125 18.12 15.49 -14.38
N LYS A 126 18.67 15.42 -15.59
CA LYS A 126 19.61 14.37 -15.94
C LYS A 126 21.02 14.82 -15.59
N THR A 127 21.83 13.91 -15.05
CA THR A 127 23.22 14.26 -14.73
C THR A 127 23.91 13.81 -15.99
N ALA A 128 24.35 14.76 -16.81
CA ALA A 128 24.98 14.46 -18.08
C ALA A 128 26.27 13.67 -17.95
N GLY A 129 26.39 12.60 -18.73
CA GLY A 129 27.61 11.80 -18.66
C GLY A 129 27.50 10.47 -17.94
N LYS A 130 26.67 10.40 -16.90
CA LYS A 130 26.53 9.15 -16.18
C LYS A 130 25.28 8.40 -16.63
N ARG A 131 25.49 7.20 -17.14
CA ARG A 131 24.39 6.39 -17.62
C ARG A 131 23.38 6.06 -16.53
N TYR A 132 22.11 6.41 -16.77
CA TYR A 132 21.01 6.17 -15.83
C TYR A 132 21.10 6.94 -14.52
N VAL A 133 21.60 8.16 -14.55
CA VAL A 133 21.67 8.93 -13.31
C VAL A 133 20.93 10.23 -13.48
N TYR A 134 20.10 10.53 -12.49
CA TYR A 134 19.35 11.77 -12.53
C TYR A 134 19.43 12.40 -11.16
N ARG A 135 18.89 13.61 -11.02
CA ARG A 135 18.93 14.30 -9.74
C ARG A 135 17.64 15.02 -9.45
N PHE A 136 17.19 14.91 -8.21
CA PHE A 136 16.00 15.61 -7.80
C PHE A 136 16.45 17.05 -7.62
N VAL A 137 15.77 17.97 -8.28
CA VAL A 137 16.13 19.38 -8.18
C VAL A 137 15.14 20.17 -7.34
N CYS A 138 13.88 19.71 -7.27
CA CYS A 138 12.90 20.45 -6.48
C CYS A 138 13.28 20.47 -4.99
N ASP A 139 12.42 21.03 -4.15
CA ASP A 139 12.74 21.15 -2.72
C ASP A 139 12.33 19.97 -1.87
N LEU A 140 13.10 18.90 -1.96
CA LEU A 140 12.77 17.74 -1.18
C LEU A 140 12.93 17.98 0.32
N GLN A 141 13.93 18.75 0.73
CA GLN A 141 14.11 18.99 2.16
C GLN A 141 12.81 19.35 2.87
N SER A 142 12.04 20.24 2.26
CA SER A 142 10.78 20.67 2.83
C SER A 142 9.71 19.61 2.76
N LEU A 143 9.84 18.68 1.85
CA LEU A 143 8.82 17.65 1.78
C LEU A 143 9.08 16.49 2.72
N LEU A 144 10.35 16.17 2.96
CA LEU A 144 10.67 15.05 3.83
C LEU A 144 11.51 15.50 5.04
N GLY A 145 11.48 16.80 5.29
CA GLY A 145 12.21 17.38 6.41
C GLY A 145 13.56 16.74 6.72
N TYR A 146 14.34 16.42 5.68
CA TYR A 146 15.64 15.79 5.87
C TYR A 146 16.68 16.27 4.88
N THR A 147 17.88 16.60 5.38
CA THR A 147 18.95 17.02 4.50
C THR A 147 19.40 15.73 3.86
N PRO A 148 19.82 15.78 2.59
CA PRO A 148 20.28 14.57 1.93
C PRO A 148 21.37 13.84 2.74
N GLU A 149 22.12 14.60 3.53
CA GLU A 149 23.17 14.01 4.37
C GLU A 149 22.55 13.06 5.39
N GLU A 150 21.46 13.52 6.03
CA GLU A 150 20.75 12.74 7.05
C GLU A 150 20.11 11.52 6.42
N LEU A 151 19.41 11.75 5.30
CA LEU A 151 18.74 10.68 4.61
C LEU A 151 19.74 9.61 4.17
N HIS A 152 20.88 10.06 3.65
CA HIS A 152 21.92 9.15 3.21
C HIS A 152 22.46 8.32 4.38
N ALA A 153 22.40 8.88 5.58
CA ALA A 153 22.88 8.19 6.78
C ALA A 153 21.87 7.14 7.23
N MET A 154 20.59 7.49 7.13
CA MET A 154 19.51 6.59 7.53
C MET A 154 19.38 5.37 6.63
N LEU A 155 19.88 5.47 5.41
CA LEU A 155 19.80 4.33 4.48
C LEU A 155 21.15 3.62 4.39
N ASP A 156 22.16 4.19 5.02
CA ASP A 156 23.51 3.65 4.99
C ASP A 156 24.05 3.71 3.57
N VAL A 157 23.78 4.85 2.92
CA VAL A 157 24.23 5.10 1.56
C VAL A 157 25.76 5.13 1.58
N LYS A 158 26.36 4.21 0.83
CA LYS A 158 27.82 4.09 0.78
C LYS A 158 28.61 5.33 0.34
N PRO A 159 28.65 5.63 -0.98
CA PRO A 159 29.42 6.81 -1.40
C PRO A 159 29.04 8.15 -0.74
N GLY D 24 2.77 21.48 8.25
CA GLY D 24 2.89 20.01 8.33
C GLY D 24 3.63 19.44 7.13
N THR D 25 4.70 18.70 7.40
CA THR D 25 5.50 18.06 6.35
C THR D 25 4.95 16.63 6.13
N PHE D 26 5.61 15.84 5.30
CA PHE D 26 5.17 14.46 5.05
C PHE D 26 5.34 13.69 6.35
N LYS D 27 6.44 13.98 7.03
CA LYS D 27 6.77 13.34 8.30
C LYS D 27 5.64 13.46 9.31
N ASP D 28 5.16 14.69 9.48
CA ASP D 28 4.09 14.98 10.41
C ASP D 28 2.76 14.38 9.96
N TYR D 29 2.53 14.34 8.65
CA TYR D 29 1.32 13.78 8.09
C TYR D 29 1.25 12.26 8.39
N VAL D 30 2.40 11.58 8.33
CA VAL D 30 2.46 10.14 8.60
C VAL D 30 2.34 9.90 10.10
N ARG D 31 3.02 10.74 10.87
CA ARG D 31 3.03 10.67 12.31
C ARG D 31 1.62 10.82 12.91
N ASP D 32 0.88 11.80 12.40
CA ASP D 32 -0.48 12.10 12.84
C ASP D 32 -1.47 10.98 12.55
N ARG D 33 -1.30 10.32 11.40
CA ARG D 33 -2.20 9.21 11.04
C ARG D 33 -1.89 7.98 11.90
N ALA D 34 -0.62 7.84 12.29
CA ALA D 34 -0.19 6.73 13.15
C ALA D 34 -0.84 6.85 14.53
N ASP D 35 -0.89 8.08 15.05
CA ASP D 35 -1.50 8.36 16.34
C ASP D 35 -3.02 8.17 16.31
N LEU D 36 -3.56 7.95 15.11
CA LEU D 36 -5.00 7.71 14.96
C LEU D 36 -5.18 6.23 14.61
N ASN D 37 -4.09 5.47 14.77
CA ASN D 37 -4.05 4.03 14.52
C ASN D 37 -4.39 3.61 13.12
N LYS D 38 -4.03 4.47 12.15
CA LYS D 38 -4.30 4.20 10.74
C LYS D 38 -3.04 3.64 10.05
N ASP D 39 -3.22 3.13 8.83
CA ASP D 39 -2.12 2.56 8.04
C ASP D 39 -1.40 1.36 8.65
N LYS D 40 -2.11 0.57 9.45
CA LYS D 40 -1.51 -0.60 10.09
C LYS D 40 -2.45 -1.82 10.14
N PRO D 41 -3.16 -2.11 9.04
CA PRO D 41 -4.07 -3.27 9.05
C PRO D 41 -3.26 -4.55 9.13
N VAL D 42 -3.72 -5.50 9.93
CA VAL D 42 -2.99 -6.76 10.07
C VAL D 42 -3.01 -7.58 8.78
N ILE D 43 -4.07 -7.45 8.01
CA ILE D 43 -4.18 -8.19 6.76
C ILE D 43 -4.33 -7.22 5.59
N PRO D 44 -3.23 -6.59 5.16
CA PRO D 44 -3.29 -5.64 4.04
C PRO D 44 -3.85 -6.34 2.83
N ALA D 45 -4.87 -5.76 2.22
CA ALA D 45 -5.48 -6.34 1.04
C ALA D 45 -4.42 -6.56 -0.01
N ALA D 46 -3.74 -5.49 -0.40
CA ALA D 46 -2.69 -5.57 -1.41
C ALA D 46 -1.74 -6.73 -1.15
N ALA D 47 -1.30 -6.89 0.10
CA ALA D 47 -0.39 -7.97 0.42
C ALA D 47 -1.10 -9.30 0.21
N LEU D 48 -2.33 -9.39 0.71
CA LEU D 48 -3.08 -10.63 0.58
C LEU D 48 -3.20 -11.05 -0.86
N ALA D 49 -3.57 -10.10 -1.71
CA ALA D 49 -3.75 -10.39 -3.13
C ALA D 49 -2.43 -10.91 -3.65
N GLY D 50 -1.34 -10.35 -3.14
CA GLY D 50 -0.03 -10.78 -3.58
C GLY D 50 0.23 -12.21 -3.16
N TYR D 51 -0.05 -12.50 -1.89
CA TYR D 51 0.16 -13.82 -1.35
C TYR D 51 -0.69 -14.88 -2.08
N THR D 52 -1.95 -14.56 -2.35
CA THR D 52 -2.82 -15.50 -3.03
C THR D 52 -2.65 -15.48 -4.56
N GLY D 53 -2.03 -14.43 -5.09
CA GLY D 53 -1.85 -14.36 -6.53
C GLY D 53 -3.19 -14.10 -7.23
N SER D 54 -4.07 -13.37 -6.54
CA SER D 54 -5.39 -13.04 -7.06
C SER D 54 -5.34 -11.87 -8.03
N GLY D 55 -4.22 -11.17 -8.05
CA GLY D 55 -4.11 -10.04 -8.95
C GLY D 55 -4.86 -8.87 -8.38
N PRO D 56 -5.84 -8.33 -9.12
CA PRO D 56 -6.53 -7.17 -8.55
C PRO D 56 -7.11 -7.55 -7.20
N ILE D 57 -7.09 -6.59 -6.29
CA ILE D 57 -7.63 -6.81 -4.96
C ILE D 57 -9.09 -7.24 -5.11
N GLN D 58 -9.52 -8.22 -4.34
CA GLN D 58 -10.88 -8.71 -4.41
C GLN D 58 -11.65 -8.18 -3.24
N LEU D 59 -12.97 -8.16 -3.34
CA LEU D 59 -13.79 -7.62 -2.24
C LEU D 59 -13.49 -8.29 -0.88
N TRP D 60 -13.82 -9.58 -0.76
CA TRP D 60 -13.59 -10.26 0.49
C TRP D 60 -12.24 -9.89 1.04
N GLN D 61 -11.26 -9.75 0.18
CA GLN D 61 -9.93 -9.41 0.65
C GLN D 61 -9.88 -8.04 1.26
N PHE D 62 -10.47 -7.08 0.55
CA PHE D 62 -10.49 -5.72 1.05
C PHE D 62 -11.12 -5.71 2.46
N LEU D 63 -12.33 -6.25 2.59
CA LEU D 63 -12.99 -6.30 3.89
C LEU D 63 -12.07 -6.90 4.94
N LEU D 64 -11.41 -8.00 4.59
CA LEU D 64 -10.52 -8.64 5.54
C LEU D 64 -9.41 -7.70 5.95
N GLU D 65 -9.07 -6.74 5.10
CA GLU D 65 -8.01 -5.78 5.43
C GLU D 65 -8.58 -4.83 6.48
N LEU D 66 -9.73 -4.24 6.14
CA LEU D 66 -10.40 -3.32 7.05
C LEU D 66 -10.57 -3.96 8.43
N LEU D 67 -11.15 -5.16 8.44
CA LEU D 67 -11.40 -5.86 9.68
C LEU D 67 -10.16 -6.14 10.54
N THR D 68 -8.95 -5.99 9.99
CA THR D 68 -7.70 -6.22 10.76
C THR D 68 -6.94 -4.93 11.00
N ASP D 69 -7.53 -3.82 10.55
CA ASP D 69 -6.97 -2.48 10.74
C ASP D 69 -7.80 -1.83 11.86
N LYS D 70 -7.22 -1.75 13.05
CA LYS D 70 -7.88 -1.19 14.23
C LYS D 70 -8.58 0.16 14.04
N SER D 71 -8.10 0.97 13.09
CA SER D 71 -8.69 2.29 12.87
C SER D 71 -10.06 2.26 12.18
N CYS D 72 -10.36 1.16 11.50
CA CYS D 72 -11.62 1.02 10.78
C CYS D 72 -12.75 0.44 11.62
N GLN D 73 -12.46 0.08 12.85
CA GLN D 73 -13.45 -0.53 13.75
C GLN D 73 -14.75 0.23 13.94
N SER D 74 -14.81 1.49 13.53
CA SER D 74 -16.01 2.29 13.70
C SER D 74 -17.09 2.02 12.64
N PHE D 75 -16.68 1.66 11.44
CA PHE D 75 -17.65 1.40 10.38
C PHE D 75 -17.72 -0.06 9.93
N ILE D 76 -16.81 -0.89 10.43
CA ILE D 76 -16.83 -2.32 10.07
C ILE D 76 -16.07 -3.10 11.16
N SER D 77 -16.67 -4.17 11.66
CA SER D 77 -16.01 -4.92 12.73
C SER D 77 -16.57 -6.30 12.97
N TRP D 78 -15.76 -7.13 13.63
CA TRP D 78 -16.13 -8.51 13.98
C TRP D 78 -17.17 -8.53 15.08
N THR D 79 -18.18 -9.37 14.93
CA THR D 79 -19.22 -9.42 15.95
C THR D 79 -18.76 -10.10 17.22
N GLY D 80 -17.71 -10.90 17.13
CA GLY D 80 -17.23 -11.58 18.31
C GLY D 80 -17.47 -13.07 18.20
N ASP D 81 -18.30 -13.44 17.24
CA ASP D 81 -18.59 -14.85 17.01
C ASP D 81 -17.87 -15.35 15.76
N GLY D 82 -16.82 -16.12 15.95
CA GLY D 82 -16.07 -16.63 14.81
C GLY D 82 -15.72 -15.56 13.80
N TRP D 83 -15.84 -15.92 12.52
CA TRP D 83 -15.51 -14.98 11.45
C TRP D 83 -16.65 -14.05 11.09
N GLU D 84 -17.61 -13.93 11.98
CA GLU D 84 -18.75 -13.06 11.70
C GLU D 84 -18.30 -11.63 11.84
N PHE D 85 -18.85 -10.77 11.00
CA PHE D 85 -18.50 -9.35 11.02
C PHE D 85 -19.72 -8.55 10.67
N LYS D 86 -19.65 -7.24 10.95
CA LYS D 86 -20.75 -6.34 10.68
C LYS D 86 -20.34 -5.02 10.04
N LEU D 87 -21.14 -4.61 9.07
CA LEU D 87 -20.91 -3.36 8.35
C LEU D 87 -21.67 -2.26 9.06
N SER D 88 -21.21 -1.88 10.25
CA SER D 88 -21.88 -0.84 11.02
C SER D 88 -22.18 0.38 10.15
N ASP D 89 -21.26 0.78 9.29
CA ASP D 89 -21.49 1.93 8.42
C ASP D 89 -21.24 1.57 6.96
N PRO D 90 -22.23 0.95 6.33
CA PRO D 90 -22.21 0.50 4.94
C PRO D 90 -21.72 1.56 3.98
N ASP D 91 -22.34 2.71 4.07
CA ASP D 91 -22.00 3.82 3.20
C ASP D 91 -20.50 4.13 3.20
N GLU D 92 -19.84 4.05 4.36
CA GLU D 92 -18.40 4.32 4.46
C GLU D 92 -17.59 3.17 3.85
N VAL D 93 -17.95 1.95 4.23
CA VAL D 93 -17.30 0.76 3.70
C VAL D 93 -17.36 0.83 2.19
N ALA D 94 -18.54 1.14 1.66
CA ALA D 94 -18.74 1.25 0.21
C ALA D 94 -17.85 2.34 -0.37
N ARG D 95 -17.87 3.53 0.20
CA ARG D 95 -17.04 4.61 -0.33
C ARG D 95 -15.61 4.12 -0.49
N ARG D 96 -15.00 3.64 0.60
CA ARG D 96 -13.62 3.16 0.54
C ARG D 96 -13.35 2.07 -0.50
N TRP D 97 -14.26 1.10 -0.62
CA TRP D 97 -14.09 0.06 -1.63
C TRP D 97 -14.21 0.78 -3.00
N GLY D 98 -15.13 1.73 -3.10
CA GLY D 98 -15.28 2.46 -4.35
C GLY D 98 -14.00 3.18 -4.74
N LYS D 99 -13.28 3.66 -3.73
CA LYS D 99 -12.02 4.37 -3.94
C LYS D 99 -10.91 3.40 -4.32
N ARG D 100 -10.85 2.26 -3.64
CA ARG D 100 -9.81 1.28 -3.91
C ARG D 100 -9.89 0.66 -5.31
N LYS D 101 -11.08 0.68 -5.92
CA LYS D 101 -11.24 0.11 -7.26
C LYS D 101 -11.47 1.19 -8.29
N ASN D 102 -11.41 2.44 -7.85
CA ASN D 102 -11.63 3.57 -8.73
C ASN D 102 -13.01 3.43 -9.33
N LYS D 103 -14.02 3.68 -8.50
CA LYS D 103 -15.39 3.61 -8.95
C LYS D 103 -16.20 4.46 -7.98
N PRO D 104 -16.18 5.80 -8.18
CA PRO D 104 -16.88 6.79 -7.37
C PRO D 104 -18.40 6.58 -7.14
N LYS D 105 -19.06 5.91 -8.08
CA LYS D 105 -20.49 5.63 -7.95
C LYS D 105 -20.80 4.45 -7.02
N MET D 106 -19.75 3.85 -6.46
CA MET D 106 -19.86 2.68 -5.57
C MET D 106 -20.62 2.94 -4.27
N ASN D 107 -21.61 2.09 -4.01
CA ASN D 107 -22.46 2.15 -2.80
C ASN D 107 -22.68 0.78 -2.17
N TYR D 108 -23.32 0.73 -1.03
CA TYR D 108 -23.55 -0.57 -0.42
C TYR D 108 -24.50 -1.39 -1.27
N GLU D 109 -25.31 -0.71 -2.06
CA GLU D 109 -26.30 -1.38 -2.89
C GLU D 109 -25.70 -2.23 -4.02
N LYS D 110 -24.49 -1.88 -4.45
CA LYS D 110 -23.80 -2.65 -5.48
C LYS D 110 -22.76 -3.50 -4.78
N LEU D 111 -22.17 -2.98 -3.72
CA LEU D 111 -21.18 -3.76 -3.00
C LEU D 111 -21.81 -5.04 -2.47
N SER D 112 -23.02 -4.97 -1.97
CA SER D 112 -23.66 -6.15 -1.43
C SER D 112 -23.85 -7.18 -2.54
N ARG D 113 -23.95 -6.70 -3.77
CA ARG D 113 -24.12 -7.64 -4.86
C ARG D 113 -22.84 -8.47 -4.91
N GLY D 114 -21.72 -7.78 -4.81
CA GLY D 114 -20.45 -8.46 -4.81
C GLY D 114 -20.50 -9.59 -3.81
N LEU D 115 -20.75 -9.26 -2.54
CA LEU D 115 -20.83 -10.25 -1.46
C LEU D 115 -21.83 -11.37 -1.80
N ARG D 116 -22.99 -11.00 -2.33
CA ARG D 116 -23.97 -12.01 -2.66
C ARG D 116 -23.42 -13.07 -3.63
N TYR D 117 -22.46 -12.68 -4.44
CA TYR D 117 -21.91 -13.65 -5.37
C TYR D 117 -21.17 -14.74 -4.64
N TYR D 118 -20.55 -14.35 -3.51
CA TYR D 118 -19.76 -15.24 -2.63
C TYR D 118 -20.56 -16.38 -1.97
N TYR D 119 -21.84 -16.14 -1.73
CA TYR D 119 -22.69 -17.16 -1.15
C TYR D 119 -22.46 -18.52 -1.83
N ASP D 120 -22.75 -18.62 -3.12
CA ASP D 120 -22.55 -19.88 -3.86
C ASP D 120 -21.07 -20.34 -3.87
N LYS D 121 -20.13 -19.40 -3.84
CA LYS D 121 -18.70 -19.72 -3.86
C LYS D 121 -18.22 -19.88 -2.45
N ASN D 122 -19.16 -20.16 -1.54
CA ASN D 122 -18.83 -20.35 -0.13
C ASN D 122 -17.56 -19.66 0.33
N ILE D 123 -17.59 -18.33 0.36
CA ILE D 123 -16.45 -17.53 0.78
C ILE D 123 -16.96 -16.66 1.90
N ILE D 124 -18.18 -16.16 1.68
CA ILE D 124 -18.86 -15.31 2.64
C ILE D 124 -20.34 -15.58 2.55
N HIS D 125 -20.96 -15.68 3.72
CA HIS D 125 -22.38 -15.93 3.83
C HIS D 125 -23.07 -14.84 4.63
N LYS D 126 -24.37 -14.73 4.43
CA LYS D 126 -25.18 -13.74 5.10
C LYS D 126 -25.72 -14.36 6.36
N THR D 127 -25.68 -13.62 7.46
CA THR D 127 -26.23 -14.10 8.73
C THR D 127 -27.64 -13.56 8.67
N ALA D 128 -28.60 -14.45 8.42
CA ALA D 128 -30.00 -14.06 8.29
C ALA D 128 -30.59 -13.36 9.51
N GLY D 129 -31.23 -12.22 9.28
CA GLY D 129 -31.83 -11.48 10.38
C GLY D 129 -31.08 -10.27 10.88
N LYS D 130 -29.76 -10.29 10.85
CA LYS D 130 -29.00 -9.14 11.32
C LYS D 130 -28.61 -8.21 10.18
N ARG D 131 -29.12 -6.99 10.24
CA ARG D 131 -28.85 -6.03 9.20
C ARG D 131 -27.35 -5.79 9.02
N TYR D 132 -26.88 -5.92 7.78
CA TYR D 132 -25.47 -5.70 7.49
C TYR D 132 -24.49 -6.59 8.22
N VAL D 133 -24.81 -7.88 8.33
CA VAL D 133 -23.90 -8.83 8.97
C VAL D 133 -23.71 -10.06 8.08
N TYR D 134 -22.45 -10.42 7.87
CA TYR D 134 -22.13 -11.57 7.05
C TYR D 134 -21.08 -12.35 7.82
N ARG D 135 -20.68 -13.50 7.29
CA ARG D 135 -19.68 -14.31 7.96
C ARG D 135 -18.75 -14.95 6.97
N PHE D 136 -17.47 -15.01 7.33
CA PHE D 136 -16.48 -15.65 6.47
C PHE D 136 -16.67 -17.13 6.68
N VAL D 137 -16.91 -17.89 5.61
CA VAL D 137 -17.10 -19.32 5.74
C VAL D 137 -15.90 -20.13 5.26
N CYS D 138 -15.09 -19.57 4.37
CA CYS D 138 -13.92 -20.31 3.90
C CYS D 138 -12.88 -20.55 5.02
N ASP D 139 -11.74 -21.16 4.72
CA ASP D 139 -10.77 -21.45 5.78
C ASP D 139 -9.76 -20.36 6.16
N LEU D 140 -10.25 -19.30 6.76
CA LEU D 140 -9.35 -18.21 7.13
C LEU D 140 -8.18 -18.59 8.04
N GLN D 141 -8.39 -19.50 8.97
CA GLN D 141 -7.31 -19.87 9.87
C GLN D 141 -6.02 -20.23 9.16
N SER D 142 -6.12 -21.03 8.11
CA SER D 142 -4.95 -21.44 7.34
C SER D 142 -4.36 -20.29 6.55
N LEU D 143 -5.16 -19.28 6.25
CA LEU D 143 -4.63 -18.15 5.49
C LEU D 143 -3.94 -17.11 6.35
N LEU D 144 -4.44 -16.90 7.56
CA LEU D 144 -3.81 -15.91 8.42
C LEU D 144 -3.26 -16.54 9.73
N GLY D 145 -3.18 -17.87 9.72
CA GLY D 145 -2.66 -18.60 10.87
C GLY D 145 -3.15 -18.14 12.23
N TYR D 146 -4.42 -17.76 12.31
CA TYR D 146 -4.98 -17.29 13.58
C TYR D 146 -6.40 -17.74 13.83
N THR D 147 -6.65 -18.25 15.03
CA THR D 147 -8.00 -18.66 15.37
C THR D 147 -8.74 -17.35 15.58
N PRO D 148 -10.03 -17.28 15.18
CA PRO D 148 -10.78 -16.04 15.37
C PRO D 148 -10.67 -15.49 16.81
N GLU D 149 -10.49 -16.39 17.78
CA GLU D 149 -10.36 -15.99 19.17
C GLU D 149 -9.09 -15.16 19.36
N GLU D 150 -8.01 -15.57 18.72
CA GLU D 150 -6.73 -14.85 18.81
C GLU D 150 -6.84 -13.50 18.12
N LEU D 151 -7.35 -13.53 16.90
CA LEU D 151 -7.50 -12.32 16.11
C LEU D 151 -8.34 -11.30 16.88
N HIS D 152 -9.47 -11.77 17.41
CA HIS D 152 -10.36 -10.91 18.17
C HIS D 152 -9.65 -10.28 19.36
N ALA D 153 -8.67 -11.00 19.91
CA ALA D 153 -7.94 -10.49 21.06
C ALA D 153 -6.94 -9.43 20.59
N MET D 154 -6.35 -9.66 19.42
CA MET D 154 -5.37 -8.73 18.88
C MET D 154 -5.98 -7.39 18.51
N LEU D 155 -7.26 -7.39 18.18
CA LEU D 155 -7.92 -6.16 17.80
C LEU D 155 -8.74 -5.57 18.94
N ASP D 156 -8.78 -6.30 20.05
CA ASP D 156 -9.53 -5.86 21.22
C ASP D 156 -11.01 -5.84 20.87
N VAL D 157 -11.44 -6.87 20.15
CA VAL D 157 -12.84 -7.00 19.74
C VAL D 157 -13.66 -7.13 21.03
N LYS D 158 -14.58 -6.19 21.23
CA LYS D 158 -15.42 -6.17 22.41
C LYS D 158 -16.28 -7.43 22.64
N PRO D 159 -17.46 -7.54 22.00
CA PRO D 159 -18.27 -8.74 22.23
C PRO D 159 -17.53 -10.08 22.13
#